data_8TFX
#
_entry.id   8TFX
#
_cell.length_a   38.554
_cell.length_b   44.626
_cell.length_c   124.397
_cell.angle_alpha   90.000
_cell.angle_beta   90.000
_cell.angle_gamma   90.000
#
_symmetry.space_group_name_H-M   'P 21 21 21'
#
loop_
_entity.id
_entity.type
_entity.pdbx_description
1 polymer "Probable RNA 2'-phosphotransferase"
2 non-polymer "ADENOSINE-2'-5'-DIPHOSPHATE"
3 non-polymer 1,2-ETHANEDIOL
4 non-polymer GLYCEROL
5 non-polymer 'CHLORIDE ION'
6 non-polymer 'POTASSIUM ION'
7 water water
#
_entity_poly.entity_id   1
_entity_poly.type   'polypeptide(L)'
_entity_poly.pdbx_seq_one_letter_code
;SRFKVSKLMAYILRHSPWEFGLEPDEEGFVSIEELVNAVRKVYPWVTEEYIREIVERDEKGRYEIRGNKIRARYGHSYPV
ILRHEEDKESKVLYHGTVRRNLKGIMREGIKPMKRQYVHLSINYEDAYNTGMRHGEDVVVLIIDAECLRNKGYKILKAGK
KVRIVKHVPVDCISGIL
;
_entity_poly.pdbx_strand_id   A
#
# COMPACT_ATOMS: atom_id res chain seq x y z
N SER A 1 -2.23 1.77 -22.92
CA SER A 1 -0.92 1.93 -22.31
C SER A 1 -0.82 1.18 -21.01
N ARG A 2 0.42 0.90 -20.58
CA ARG A 2 0.58 0.22 -19.28
C ARG A 2 -0.01 1.07 -18.17
N PHE A 3 0.11 2.39 -18.28
CA PHE A 3 -0.45 3.25 -17.23
C PHE A 3 -1.97 3.09 -17.13
N LYS A 4 -2.67 3.15 -18.27
CA LYS A 4 -4.13 3.06 -18.19
C LYS A 4 -4.56 1.69 -17.70
N VAL A 5 -3.91 0.63 -18.18
CA VAL A 5 -4.32 -0.71 -17.78
C VAL A 5 -3.95 -0.98 -16.33
N SER A 6 -2.78 -0.50 -15.89
CA SER A 6 -2.42 -0.66 -14.47
C SER A 6 -3.38 0.11 -13.57
N LYS A 7 -3.78 1.33 -13.96
CA LYS A 7 -4.72 2.08 -13.11
C LYS A 7 -6.03 1.31 -12.94
N LEU A 8 -6.51 0.66 -14.01
CA LEU A 8 -7.73 -0.15 -13.88
C LEU A 8 -7.48 -1.39 -13.01
N MET A 9 -6.33 -2.04 -13.21
CA MET A 9 -5.99 -3.22 -12.41
C MET A 9 -6.05 -2.83 -10.94
N ALA A 10 -5.45 -1.68 -10.59
CA ALA A 10 -5.42 -1.26 -9.19
C ALA A 10 -6.82 -0.98 -8.66
N TYR A 11 -7.68 -0.40 -9.48
CA TYR A 11 -9.05 -0.12 -9.06
C TYR A 11 -9.80 -1.43 -8.83
N ILE A 12 -9.70 -2.38 -9.77
CA ILE A 12 -10.37 -3.66 -9.58
C ILE A 12 -9.83 -4.39 -8.33
N LEU A 13 -8.49 -4.48 -8.18
CA LEU A 13 -7.88 -5.35 -7.16
C LEU A 13 -7.97 -4.71 -5.77
N ARG A 14 -7.98 -3.37 -5.71
CA ARG A 14 -8.03 -2.70 -4.40
C ARG A 14 -9.44 -2.33 -3.97
N HIS A 15 -10.32 -2.03 -4.93
CA HIS A 15 -11.51 -1.29 -4.53
C HIS A 15 -12.81 -1.90 -5.01
N SER A 16 -12.88 -2.44 -6.24
CA SER A 16 -14.19 -2.84 -6.77
C SER A 16 -14.12 -4.11 -7.60
N PRO A 17 -13.64 -5.22 -7.02
CA PRO A 17 -13.60 -6.48 -7.79
C PRO A 17 -14.97 -7.06 -8.08
N TRP A 18 -15.91 -6.94 -7.13
CA TRP A 18 -17.22 -7.53 -7.34
C TRP A 18 -17.96 -6.90 -8.50
N GLU A 19 -17.72 -5.61 -8.76
CA GLU A 19 -18.32 -4.92 -9.90
C GLU A 19 -17.94 -5.62 -11.21
N PHE A 20 -16.77 -6.23 -11.22
CA PHE A 20 -16.24 -6.90 -12.42
C PHE A 20 -16.45 -8.40 -12.36
N GLY A 21 -17.28 -8.87 -11.43
CA GLY A 21 -17.58 -10.28 -11.29
C GLY A 21 -16.47 -11.10 -10.69
N LEU A 22 -15.53 -10.47 -10.00
CA LEU A 22 -14.43 -11.17 -9.32
C LEU A 22 -14.72 -11.29 -7.84
N GLU A 23 -14.30 -12.40 -7.23
CA GLU A 23 -14.41 -12.59 -5.78
C GLU A 23 -13.05 -12.84 -5.14
N PRO A 24 -12.45 -11.83 -4.55
CA PRO A 24 -11.12 -12.03 -3.93
C PRO A 24 -11.20 -13.00 -2.77
N ASP A 25 -10.11 -13.72 -2.54
CA ASP A 25 -10.05 -14.51 -1.31
C ASP A 25 -9.64 -13.60 -0.15
N GLU A 26 -9.43 -14.20 1.03
CA GLU A 26 -9.19 -13.42 2.24
C GLU A 26 -7.87 -12.65 2.17
N GLU A 27 -6.97 -13.06 1.29
CA GLU A 27 -5.68 -12.40 1.11
C GLU A 27 -5.67 -11.43 -0.04
N GLY A 28 -6.83 -11.22 -0.68
CA GLY A 28 -6.93 -10.22 -1.74
C GLY A 28 -6.68 -10.78 -3.13
N PHE A 29 -6.48 -12.09 -3.25
CA PHE A 29 -6.12 -12.68 -4.55
C PHE A 29 -7.36 -12.98 -5.39
N VAL A 30 -7.26 -12.77 -6.72
CA VAL A 30 -8.27 -13.24 -7.66
C VAL A 30 -7.57 -14.06 -8.72
N SER A 31 -8.36 -14.82 -9.49
CA SER A 31 -7.79 -15.54 -10.64
C SER A 31 -7.25 -14.54 -11.66
N ILE A 32 -6.02 -14.77 -12.13
CA ILE A 32 -5.48 -13.82 -13.09
C ILE A 32 -6.17 -14.00 -14.44
N GLU A 33 -6.65 -15.20 -14.73
CA GLU A 33 -7.40 -15.46 -15.95
C GLU A 33 -8.72 -14.70 -15.92
N GLU A 34 -9.39 -14.69 -14.76
CA GLU A 34 -10.62 -13.91 -14.64
C GLU A 34 -10.32 -12.43 -14.69
N LEU A 35 -9.18 -12.00 -14.11
CA LEU A 35 -8.82 -10.58 -14.20
C LEU A 35 -8.66 -10.15 -15.67
N VAL A 36 -7.99 -10.98 -16.49
CA VAL A 36 -7.88 -10.64 -17.91
C VAL A 36 -9.26 -10.44 -18.50
N ASN A 37 -10.18 -11.36 -18.20
CA ASN A 37 -11.51 -11.27 -18.80
C ASN A 37 -12.20 -9.96 -18.36
N ALA A 38 -12.00 -9.58 -17.09
CA ALA A 38 -12.57 -8.34 -16.54
C ALA A 38 -11.98 -7.12 -17.22
N VAL A 39 -10.65 -7.06 -17.31
CA VAL A 39 -10.00 -5.91 -17.91
C VAL A 39 -10.39 -5.77 -19.38
N ARG A 40 -10.61 -6.88 -20.09
CA ARG A 40 -10.97 -6.82 -21.50
C ARG A 40 -12.34 -6.20 -21.73
N LYS A 41 -13.14 -6.05 -20.67
CA LYS A 41 -14.43 -5.35 -20.74
C LYS A 41 -14.21 -3.89 -21.07
N VAL A 42 -13.03 -3.38 -20.73
CA VAL A 42 -12.64 -2.00 -20.99
C VAL A 42 -11.60 -1.94 -22.11
N TYR A 43 -10.59 -2.81 -22.05
CA TYR A 43 -9.42 -2.79 -22.95
C TYR A 43 -9.32 -4.17 -23.57
N PRO A 44 -10.02 -4.40 -24.68
CA PRO A 44 -10.18 -5.78 -25.17
C PRO A 44 -8.90 -6.42 -25.71
N TRP A 45 -7.85 -5.62 -25.90
CA TRP A 45 -6.60 -6.09 -26.49
C TRP A 45 -5.64 -6.61 -25.42
N VAL A 46 -6.02 -6.51 -24.15
CA VAL A 46 -5.15 -6.96 -23.05
C VAL A 46 -5.09 -8.49 -23.07
N THR A 47 -3.93 -9.04 -22.70
CA THR A 47 -3.71 -10.49 -22.63
C THR A 47 -3.18 -10.83 -21.24
N GLU A 48 -3.21 -12.14 -20.91
CA GLU A 48 -2.58 -12.53 -19.64
C GLU A 48 -1.09 -12.17 -19.63
N GLU A 49 -0.41 -12.39 -20.78
CA GLU A 49 1.02 -12.08 -20.84
C GLU A 49 1.28 -10.62 -20.53
N TYR A 50 0.40 -9.74 -21.02
CA TYR A 50 0.52 -8.31 -20.73
C TYR A 50 0.34 -8.01 -19.25
N ILE A 51 -0.67 -8.59 -18.62
CA ILE A 51 -0.86 -8.35 -17.17
C ILE A 51 0.36 -8.87 -16.39
N ARG A 52 0.88 -10.05 -16.76
CA ARG A 52 2.09 -10.52 -16.10
C ARG A 52 3.25 -9.55 -16.30
N GLU A 53 3.39 -8.98 -17.50
CA GLU A 53 4.47 -8.04 -17.73
C GLU A 53 4.28 -6.78 -16.88
N ILE A 54 3.04 -6.29 -16.75
CA ILE A 54 2.78 -5.10 -15.91
C ILE A 54 3.23 -5.38 -14.49
N VAL A 55 2.90 -6.56 -13.99
CA VAL A 55 3.34 -6.95 -12.64
C VAL A 55 4.86 -6.94 -12.52
N GLU A 56 5.55 -7.58 -13.48
CA GLU A 56 7.01 -7.66 -13.42
C GLU A 56 7.66 -6.28 -13.48
N ARG A 57 7.09 -5.34 -14.28
CA ARG A 57 7.75 -4.07 -14.56
C ARG A 57 7.29 -2.96 -13.62
N ASP A 58 6.28 -3.21 -12.79
CA ASP A 58 5.73 -2.13 -11.95
C ASP A 58 6.79 -1.55 -11.01
N GLU A 59 6.89 -0.20 -11.01
CA GLU A 59 8.02 0.46 -10.36
C GLU A 59 7.88 0.51 -8.85
N LYS A 60 6.66 0.31 -8.35
CA LYS A 60 6.39 0.33 -6.91
C LYS A 60 6.23 -1.05 -6.33
N GLY A 61 6.24 -2.11 -7.15
CA GLY A 61 5.83 -3.42 -6.65
C GLY A 61 4.38 -3.45 -6.23
N ARG A 62 3.49 -2.83 -7.01
CA ARG A 62 2.07 -2.77 -6.63
C ARG A 62 1.40 -4.13 -6.59
N TYR A 63 1.88 -5.10 -7.38
CA TYR A 63 1.13 -6.33 -7.59
C TYR A 63 1.95 -7.56 -7.20
N GLU A 64 1.25 -8.66 -6.97
CA GLU A 64 1.92 -9.92 -6.66
C GLU A 64 1.17 -11.03 -7.37
N ILE A 65 1.91 -11.93 -8.03
CA ILE A 65 1.32 -13.11 -8.65
C ILE A 65 1.89 -14.35 -7.98
N ARG A 66 1.02 -15.28 -7.60
CA ARG A 66 1.42 -16.59 -7.15
C ARG A 66 0.59 -17.62 -7.90
N GLY A 67 1.25 -18.42 -8.74
CA GLY A 67 0.54 -19.36 -9.60
C GLY A 67 -0.45 -18.60 -10.47
N ASN A 68 -1.72 -18.97 -10.35
CA ASN A 68 -2.83 -18.41 -11.10
C ASN A 68 -3.52 -17.25 -10.39
N LYS A 69 -2.99 -16.80 -9.26
CA LYS A 69 -3.63 -15.81 -8.39
C LYS A 69 -2.89 -14.49 -8.49
N ILE A 70 -3.63 -13.39 -8.54
CA ILE A 70 -3.00 -12.09 -8.54
C ILE A 70 -3.68 -11.19 -7.51
N ARG A 71 -2.90 -10.31 -6.88
CA ARG A 71 -3.51 -9.33 -5.98
C ARG A 71 -2.74 -8.02 -6.04
N ALA A 72 -3.40 -6.97 -5.54
CA ALA A 72 -2.66 -5.78 -5.14
C ALA A 72 -2.01 -6.05 -3.79
N ARG A 73 -0.76 -5.58 -3.63
CA ARG A 73 -0.05 -5.83 -2.37
C ARG A 73 -0.45 -4.86 -1.27
N TYR A 74 -1.05 -3.73 -1.63
CA TYR A 74 -1.42 -2.75 -0.61
C TYR A 74 -2.52 -1.88 -1.20
N GLY A 75 -3.08 -1.03 -0.34
CA GLY A 75 -4.04 0.01 -0.72
C GLY A 75 -5.48 -0.42 -0.83
N HIS A 76 -5.82 -1.63 -0.38
CA HIS A 76 -7.20 -2.08 -0.47
C HIS A 76 -8.10 -1.23 0.40
N SER A 77 -9.34 -1.06 -0.06
CA SER A 77 -10.39 -0.46 0.75
C SER A 77 -11.39 -1.49 1.26
N TYR A 78 -11.11 -2.78 1.12
CA TYR A 78 -11.90 -3.83 1.73
C TYR A 78 -10.98 -4.73 2.55
N PRO A 79 -11.54 -5.55 3.46
CA PRO A 79 -10.67 -6.28 4.40
C PRO A 79 -9.81 -7.34 3.72
N VAL A 80 -8.53 -7.38 4.09
CA VAL A 80 -7.59 -8.37 3.56
C VAL A 80 -6.62 -8.72 4.66
N ILE A 81 -6.12 -9.95 4.66
CA ILE A 81 -4.98 -10.29 5.51
C ILE A 81 -3.76 -10.39 4.61
N LEU A 82 -2.75 -9.60 4.92
CA LEU A 82 -1.58 -9.47 4.02
C LEU A 82 -0.36 -10.01 4.75
N ARG A 83 -0.07 -11.28 4.53
CA ARG A 83 1.02 -11.93 5.25
C ARG A 83 2.35 -11.71 4.54
N HIS A 84 2.68 -10.44 4.30
CA HIS A 84 3.89 -10.11 3.59
C HIS A 84 5.11 -10.37 4.44
N GLU A 85 6.24 -10.49 3.77
CA GLU A 85 7.50 -10.74 4.46
C GLU A 85 7.86 -9.55 5.35
N GLU A 86 8.39 -9.87 6.53
CA GLU A 86 8.68 -8.82 7.50
C GLU A 86 9.88 -7.98 7.07
N ASP A 87 9.79 -6.67 7.24
CA ASP A 87 10.93 -5.77 7.10
C ASP A 87 11.63 -5.75 8.44
N LYS A 88 12.76 -6.44 8.53
CA LYS A 88 13.49 -6.45 9.77
C LYS A 88 14.68 -5.50 9.78
N GLU A 89 15.02 -4.87 8.65
CA GLU A 89 16.26 -4.12 8.54
C GLU A 89 16.09 -2.62 8.66
N SER A 90 14.93 -2.07 8.30
CA SER A 90 14.81 -0.63 8.28
C SER A 90 14.92 -0.07 9.69
N LYS A 91 15.73 0.98 9.87
CA LYS A 91 15.81 1.61 11.17
C LYS A 91 14.91 2.82 11.28
N VAL A 92 14.67 3.49 10.15
CA VAL A 92 13.84 4.69 10.11
C VAL A 92 12.89 4.54 8.93
N LEU A 93 11.63 4.90 9.14
CA LEU A 93 10.65 4.95 8.06
C LEU A 93 9.98 6.32 8.08
N TYR A 94 9.16 6.60 7.07
CA TYR A 94 8.55 7.93 6.98
C TYR A 94 7.03 7.83 6.75
N HIS A 95 6.30 8.81 7.27
CA HIS A 95 4.86 8.86 7.07
C HIS A 95 4.50 10.25 6.61
N GLY A 96 3.93 10.36 5.40
CA GLY A 96 3.50 11.66 4.90
C GLY A 96 2.06 11.95 5.32
N THR A 97 1.83 13.16 5.83
CA THR A 97 0.48 13.51 6.24
C THR A 97 0.32 15.01 6.00
N VAL A 98 -0.74 15.63 6.55
CA VAL A 98 -0.94 17.07 6.40
C VAL A 98 -0.89 17.66 7.80
N ARG A 99 -0.49 18.94 7.87
CA ARG A 99 -0.23 19.61 9.16
C ARG A 99 -1.43 19.56 10.08
N ARG A 100 -2.66 19.68 9.53
CA ARG A 100 -3.82 19.70 10.40
C ARG A 100 -4.00 18.39 11.17
N ASN A 101 -3.37 17.27 10.73
CA ASN A 101 -3.44 16.01 11.49
C ASN A 101 -2.44 15.91 12.64
N LEU A 102 -1.46 16.82 12.76
CA LEU A 102 -0.47 16.70 13.83
C LEU A 102 -1.11 16.67 15.21
N LYS A 103 -2.09 17.52 15.47
CA LYS A 103 -2.64 17.57 16.82
C LYS A 103 -3.14 16.20 17.29
N GLY A 104 -3.93 15.52 16.46
CA GLY A 104 -4.41 14.20 16.86
C GLY A 104 -3.32 13.14 16.86
N ILE A 105 -2.40 13.21 15.89
CA ILE A 105 -1.30 12.24 15.86
C ILE A 105 -0.42 12.36 17.10
N MET A 106 -0.13 13.60 17.53
CA MET A 106 0.69 13.73 18.72
C MET A 106 -0.05 13.31 19.99
N ARG A 107 -1.37 13.14 19.92
CA ARG A 107 -2.09 12.67 21.10
C ARG A 107 -2.27 11.15 21.11
N GLU A 108 -2.57 10.54 19.97
CA GLU A 108 -2.93 9.12 19.98
C GLU A 108 -2.13 8.30 18.98
N GLY A 109 -1.10 8.88 18.38
CA GLY A 109 -0.29 8.15 17.42
C GLY A 109 -0.91 8.15 16.04
N ILE A 110 -0.26 7.44 15.12
CA ILE A 110 -0.79 7.25 13.78
C ILE A 110 -1.73 6.04 13.75
N LYS A 111 -2.98 6.28 13.35
CA LYS A 111 -3.95 5.23 13.33
C LYS A 111 -4.32 4.90 11.89
N PRO A 112 -4.70 3.65 11.61
CA PRO A 112 -5.13 3.32 10.26
C PRO A 112 -6.53 3.87 10.05
N MET A 113 -6.80 4.31 8.83
CA MET A 113 -8.15 4.76 8.52
C MET A 113 -9.12 3.59 8.45
N LYS A 114 -9.37 2.95 9.60
CA LYS A 114 -10.20 1.74 9.72
C LYS A 114 -9.67 0.69 8.77
N ARG A 115 -8.55 1.03 8.10
CA ARG A 115 -7.85 0.30 7.05
C ARG A 115 -7.00 -0.83 7.57
N GLN A 116 -7.16 -1.20 8.84
CA GLN A 116 -6.26 -2.21 9.41
C GLN A 116 -4.78 -1.78 9.42
N TYR A 117 -4.22 -1.14 8.36
CA TYR A 117 -2.79 -0.82 8.40
C TYR A 117 -2.53 0.66 8.17
N VAL A 118 -1.50 1.16 8.83
CA VAL A 118 -0.88 2.45 8.54
C VAL A 118 0.15 2.24 7.44
N HIS A 119 0.27 3.18 6.52
CA HIS A 119 1.25 3.08 5.46
C HIS A 119 2.46 3.96 5.78
N LEU A 120 3.66 3.40 5.59
CA LEU A 120 4.93 4.10 5.79
C LEU A 120 5.75 3.90 4.51
N SER A 121 6.82 4.66 4.39
CA SER A 121 7.70 4.52 3.24
C SER A 121 9.14 4.47 3.73
N ILE A 122 9.97 3.77 2.97
CA ILE A 122 11.40 3.80 3.31
C ILE A 122 12.04 5.09 2.85
N ASN A 123 11.35 5.87 2.00
CA ASN A 123 11.92 7.09 1.42
CA ASN A 123 11.91 7.07 1.38
C ASN A 123 11.10 8.31 1.80
N TYR A 124 11.81 9.37 2.16
CA TYR A 124 11.18 10.64 2.47
C TYR A 124 10.39 11.19 1.27
N GLU A 125 10.99 11.13 0.07
CA GLU A 125 10.30 11.73 -1.07
C GLU A 125 8.99 11.00 -1.37
N ASP A 126 8.99 9.66 -1.25
CA ASP A 126 7.76 8.93 -1.48
C ASP A 126 6.71 9.29 -0.42
N ALA A 127 7.13 9.43 0.85
CA ALA A 127 6.16 9.82 1.88
C ALA A 127 5.61 11.22 1.63
N TYR A 128 6.47 12.15 1.24
CA TYR A 128 5.98 13.48 0.89
C TYR A 128 4.93 13.38 -0.21
N ASN A 129 5.21 12.60 -1.26
CA ASN A 129 4.25 12.55 -2.36
C ASN A 129 2.94 11.88 -1.94
N THR A 130 2.99 10.91 -1.04
CA THR A 130 1.75 10.30 -0.51
C THR A 130 0.96 11.31 0.32
N GLY A 131 1.65 12.10 1.14
CA GLY A 131 0.97 13.09 1.94
C GLY A 131 0.21 14.12 1.10
N MET A 132 0.74 14.44 -0.09
N MET A 132 0.74 14.46 -0.08
CA MET A 132 0.08 15.42 -0.98
CA MET A 132 0.09 15.41 -0.99
C MET A 132 -1.32 14.98 -1.37
C MET A 132 -1.32 14.97 -1.36
N ARG A 133 -1.65 13.68 -1.22
CA ARG A 133 -2.97 13.20 -1.57
C ARG A 133 -4.05 13.74 -0.63
N HIS A 134 -3.65 14.22 0.56
CA HIS A 134 -4.60 14.70 1.56
C HIS A 134 -4.52 16.20 1.77
N GLY A 135 -3.78 16.89 0.95
CA GLY A 135 -3.82 18.34 0.97
C GLY A 135 -2.48 18.88 0.56
N GLU A 136 -2.39 20.21 0.63
CA GLU A 136 -1.19 20.90 0.20
C GLU A 136 -0.17 21.08 1.30
N ASP A 137 -0.58 21.19 2.56
CA ASP A 137 0.38 21.54 3.62
C ASP A 137 0.94 20.27 4.25
N VAL A 138 1.83 19.62 3.50
CA VAL A 138 2.32 18.30 3.86
C VAL A 138 3.45 18.40 4.87
N VAL A 139 3.46 17.49 5.85
CA VAL A 139 4.63 17.29 6.69
C VAL A 139 4.96 15.81 6.66
N VAL A 140 6.22 15.48 6.93
CA VAL A 140 6.62 14.06 6.89
C VAL A 140 7.12 13.69 8.29
N LEU A 141 6.53 12.64 8.86
CA LEU A 141 6.92 12.18 10.20
C LEU A 141 8.04 11.17 10.04
N ILE A 142 9.09 11.32 10.85
CA ILE A 142 10.17 10.33 10.91
C ILE A 142 9.79 9.32 11.95
N ILE A 143 9.86 8.04 11.58
CA ILE A 143 9.39 6.98 12.46
C ILE A 143 10.59 6.13 12.83
N ASP A 144 10.75 5.90 14.14
CA ASP A 144 11.80 5.01 14.64
C ASP A 144 11.28 3.58 14.50
N ALA A 145 11.69 2.88 13.44
CA ALA A 145 11.19 1.53 13.21
C ALA A 145 11.71 0.52 14.22
N GLU A 146 12.93 0.69 14.73
CA GLU A 146 13.36 -0.25 15.76
C GLU A 146 12.50 -0.13 16.99
N CYS A 147 12.19 1.10 17.37
CA CYS A 147 11.28 1.33 18.50
C CYS A 147 9.95 0.64 18.24
N LEU A 148 9.44 0.72 17.01
CA LEU A 148 8.16 0.11 16.68
C LEU A 148 8.22 -1.40 16.88
N ARG A 149 9.26 -2.02 16.33
CA ARG A 149 9.44 -3.46 16.49
C ARG A 149 9.53 -3.83 17.96
N ASN A 150 10.30 -3.06 18.73
CA ASN A 150 10.49 -3.41 20.13
C ASN A 150 9.18 -3.39 20.88
N LYS A 151 8.20 -2.59 20.43
CA LYS A 151 6.91 -2.56 21.12
C LYS A 151 6.04 -3.74 20.73
N GLY A 152 6.46 -4.55 19.76
CA GLY A 152 5.69 -5.68 19.30
C GLY A 152 4.99 -5.53 17.96
N TYR A 153 5.17 -4.41 17.25
CA TYR A 153 4.57 -4.21 15.93
C TYR A 153 5.43 -4.83 14.84
N LYS A 154 4.83 -5.69 14.01
CA LYS A 154 5.50 -6.20 12.82
C LYS A 154 5.35 -5.20 11.69
N ILE A 155 6.45 -4.83 11.06
CA ILE A 155 6.43 -3.97 9.87
C ILE A 155 6.62 -4.85 8.65
N LEU A 156 5.72 -4.75 7.68
CA LEU A 156 5.74 -5.70 6.57
C LEU A 156 6.13 -4.98 5.29
N LYS A 157 6.87 -5.69 4.43
CA LYS A 157 7.26 -5.18 3.11
C LYS A 157 6.09 -5.34 2.18
N ALA A 158 5.35 -4.27 1.98
CA ALA A 158 4.20 -4.39 1.08
C ALA A 158 4.51 -4.04 -0.36
N GLY A 159 5.37 -3.05 -0.57
CA GLY A 159 5.86 -2.78 -1.90
C GLY A 159 7.38 -2.62 -1.89
N LYS A 160 7.93 -2.18 -3.02
CA LYS A 160 9.37 -1.91 -3.05
C LYS A 160 9.72 -0.84 -2.04
N LYS A 161 8.86 0.15 -1.87
CA LYS A 161 9.12 1.19 -0.86
C LYS A 161 8.07 1.25 0.24
N VAL A 162 6.85 0.77 -0.02
CA VAL A 162 5.77 0.86 0.96
C VAL A 162 5.97 -0.19 2.05
N ARG A 163 5.74 0.21 3.31
CA ARG A 163 5.78 -0.67 4.47
C ARG A 163 4.46 -0.48 5.21
N ILE A 164 3.92 -1.55 5.78
CA ILE A 164 2.65 -1.42 6.52
C ILE A 164 2.84 -1.88 7.95
N VAL A 165 2.12 -1.23 8.88
CA VAL A 165 2.20 -1.60 10.29
C VAL A 165 0.84 -1.29 10.89
N LYS A 166 0.48 -1.95 12.00
CA LYS A 166 -0.89 -1.82 12.51
C LYS A 166 -1.15 -0.42 13.08
N HIS A 167 -0.14 0.23 13.64
CA HIS A 167 -0.32 1.43 14.46
C HIS A 167 1.08 1.96 14.70
N VAL A 168 1.22 3.30 14.81
CA VAL A 168 2.49 3.88 15.25
C VAL A 168 2.22 4.69 16.51
N PRO A 169 2.62 4.22 17.69
CA PRO A 169 2.47 5.03 18.90
C PRO A 169 3.24 6.34 18.83
N VAL A 170 2.80 7.32 19.62
CA VAL A 170 3.42 8.65 19.60
C VAL A 170 4.93 8.57 19.87
N ASP A 171 5.35 7.74 20.81
CA ASP A 171 6.76 7.80 21.17
C ASP A 171 7.66 7.17 20.11
N CYS A 172 7.08 6.57 19.07
CA CYS A 172 7.92 6.13 17.96
C CYS A 172 8.09 7.19 16.89
N ILE A 173 7.51 8.38 17.06
CA ILE A 173 7.66 9.47 16.10
C ILE A 173 8.84 10.34 16.54
N SER A 174 9.95 10.26 15.81
CA SER A 174 11.18 10.90 16.25
CA SER A 174 11.19 10.89 16.23
C SER A 174 11.39 12.30 15.68
N GLY A 175 10.67 12.70 14.65
CA GLY A 175 10.94 14.01 14.08
C GLY A 175 9.83 14.39 13.14
N ILE A 176 9.77 15.69 12.79
CA ILE A 176 8.85 16.19 11.76
C ILE A 176 9.66 16.97 10.74
N LEU A 177 9.44 16.65 9.47
CA LEU A 177 10.17 17.28 8.34
C LEU A 177 9.23 18.11 7.48
#